data_1A0A
#
_entry.id   1A0A
#
_cell.length_a   53.510
_cell.length_b   68.300
_cell.length_c   108.770
_cell.angle_alpha   90.00
_cell.angle_beta   90.00
_cell.angle_gamma   90.00
#
_symmetry.space_group_name_H-M   'P 21 21 21'
#
loop_
_entity.id
_entity.type
_entity.pdbx_description
1 polymer "DNA (5'-D(*CP*TP*CP*AP*CP*AP*CP*GP*TP*GP*GP*GP*AP*CP*TP*AP*G )-3')"
2 polymer "DNA (5'-D(*CP*TP*AP*GP*TP*CP*CP*CP*AP*CP*GP*TP*GP*TP*GP*AP*G )-3')"
3 polymer 'PROTEIN (PHOSPHATE SYSTEM POSITIVE REGULATORY PROTEIN PHO4)'
4 water water
#
loop_
_entity_poly.entity_id
_entity_poly.type
_entity_poly.pdbx_seq_one_letter_code
_entity_poly.pdbx_strand_id
1 'polydeoxyribonucleotide' (DC)(DT)(DC)(DA)(DC)(DA)(DC)(DG)(DT)(DG)(DG)(DG)(DA)(DC)(DT)(DA)(DG) C
2 'polydeoxyribonucleotide' (DC)(DT)(DA)(DG)(DT)(DC)(DC)(DC)(DA)(DC)(DG)(DT)(DG)(DT)(DG)(DA)(DG) D
3 'polypeptide(L)' MKRESHKHAEQARRNRLAVALHELASLIPAEWKQQNVSAAPSKATTVEAACRYIRHLQQNGST A,B
#
loop_
_chem_comp.id
_chem_comp.type
_chem_comp.name
_chem_comp.formula
DA DNA linking 2'-DEOXYADENOSINE-5'-MONOPHOSPHATE 'C10 H14 N5 O6 P'
DC DNA linking 2'-DEOXYCYTIDINE-5'-MONOPHOSPHATE 'C9 H14 N3 O7 P'
DG DNA linking 2'-DEOXYGUANOSINE-5'-MONOPHOSPHATE 'C10 H14 N5 O7 P'
DT DNA linking THYMIDINE-5'-MONOPHOSPHATE 'C10 H15 N2 O8 P'
#
# COMPACT_ATOMS: atom_id res chain seq x y z
N MET C 1 19.86 9.76 24.67
CA MET C 1 19.61 8.29 24.78
C MET C 1 18.11 8.08 24.88
N LYS C 2 17.42 8.61 23.86
CA LYS C 2 15.95 8.57 23.70
C LYS C 2 15.38 7.19 23.36
N ARG C 3 16.12 6.15 23.77
CA ARG C 3 15.77 4.74 23.57
C ARG C 3 14.47 4.26 24.18
N GLU C 4 13.49 5.15 24.26
CA GLU C 4 12.18 4.89 24.80
C GLU C 4 11.27 6.05 24.36
N SER C 5 11.71 7.27 24.68
CA SER C 5 10.99 8.50 24.38
C SER C 5 11.09 8.96 22.93
N HIS C 6 12.05 8.42 22.18
CA HIS C 6 12.21 8.76 20.77
C HIS C 6 10.83 8.66 20.10
N LYS C 7 9.97 7.86 20.74
CA LYS C 7 8.56 7.62 20.43
C LYS C 7 8.00 8.20 19.12
N HIS C 8 7.72 9.50 19.16
CA HIS C 8 7.16 10.27 18.04
C HIS C 8 7.81 9.95 16.70
N ALA C 9 9.07 9.51 16.80
CA ALA C 9 9.88 9.12 15.65
C ALA C 9 9.09 8.10 14.84
N GLU C 10 8.22 7.36 15.51
CA GLU C 10 7.40 6.36 14.86
C GLU C 10 6.29 6.98 14.02
N GLN C 11 5.21 7.39 14.67
CA GLN C 11 4.06 7.97 13.94
C GLN C 11 4.38 9.24 13.16
N ALA C 12 5.09 10.20 13.73
CA ALA C 12 5.43 11.41 12.99
C ALA C 12 6.11 11.03 11.65
N ARG C 13 6.57 9.79 11.59
CA ARG C 13 7.20 9.21 10.41
C ARG C 13 6.18 8.24 9.77
N ARG C 14 5.40 7.58 10.63
CA ARG C 14 4.37 6.57 10.26
C ARG C 14 3.27 7.21 9.41
N ASN C 15 2.97 8.46 9.73
CA ASN C 15 1.93 9.24 9.07
C ASN C 15 2.00 9.09 7.54
N ARG C 16 3.21 9.12 7.02
CA ARG C 16 3.38 8.96 5.60
C ARG C 16 2.80 7.63 5.22
N LEU C 17 3.33 6.55 5.79
CA LEU C 17 2.83 5.25 5.44
C LEU C 17 1.30 5.19 5.52
N ALA C 18 0.73 6.01 6.39
CA ALA C 18 -0.72 6.06 6.53
C ALA C 18 -1.36 6.52 5.20
N VAL C 19 -1.01 7.74 4.77
CA VAL C 19 -1.53 8.35 3.53
C VAL C 19 -0.99 7.63 2.29
N ALA C 20 0.16 6.99 2.41
CA ALA C 20 0.72 6.24 1.30
C ALA C 20 -0.37 5.23 1.03
N LEU C 21 -0.88 4.66 2.10
CA LEU C 21 -1.99 3.75 1.99
C LEU C 21 -3.14 4.59 1.43
N HIS C 22 -3.24 5.86 1.86
CA HIS C 22 -4.31 6.77 1.38
C HIS C 22 -4.28 7.27 -0.08
N GLU C 23 -3.12 7.68 -0.62
CA GLU C 23 -3.09 8.11 -2.03
C GLU C 23 -3.26 6.86 -2.87
N LEU C 24 -2.97 5.74 -2.20
CA LEU C 24 -3.15 4.43 -2.75
C LEU C 24 -4.66 4.25 -2.79
N ALA C 25 -5.36 5.08 -2.03
CA ALA C 25 -6.82 5.07 -1.99
C ALA C 25 -7.43 6.11 -2.94
N SER C 26 -6.71 7.19 -3.22
CA SER C 26 -7.24 8.23 -4.14
C SER C 26 -7.30 7.82 -5.63
N LEU C 27 -6.29 7.10 -6.10
CA LEU C 27 -6.28 6.66 -7.49
C LEU C 27 -6.68 5.20 -7.64
N ILE C 28 -7.54 4.75 -6.74
CA ILE C 28 -8.08 3.41 -6.80
C ILE C 28 -9.54 3.70 -7.07
N PRO C 29 -10.22 2.84 -7.86
CA PRO C 29 -11.64 2.99 -8.24
C PRO C 29 -12.69 2.26 -7.42
N ALA C 30 -13.56 3.03 -6.76
CA ALA C 30 -14.61 2.39 -6.00
C ALA C 30 -15.33 1.47 -7.00
N GLU C 31 -15.65 2.00 -8.18
CA GLU C 31 -16.34 1.25 -9.24
C GLU C 31 -15.64 -0.08 -9.59
N TRP C 32 -14.37 -0.19 -9.21
CA TRP C 32 -13.61 -1.42 -9.42
C TRP C 32 -14.07 -2.37 -8.34
N LYS C 33 -13.71 -2.00 -7.10
CA LYS C 33 -14.01 -2.71 -5.87
C LYS C 33 -15.14 -3.76 -5.86
N GLN C 34 -16.21 -3.54 -6.64
CA GLN C 34 -17.34 -4.48 -6.73
C GLN C 34 -16.88 -5.87 -7.21
N GLN C 35 -15.79 -5.86 -7.98
CA GLN C 35 -15.15 -7.04 -8.52
C GLN C 35 -14.51 -7.70 -7.31
N ASN C 36 -13.75 -6.93 -6.53
CA ASN C 36 -13.12 -7.51 -5.35
C ASN C 36 -14.09 -7.87 -4.21
N VAL C 37 -13.85 -9.08 -3.68
CA VAL C 37 -14.58 -9.66 -2.56
C VAL C 37 -14.39 -8.66 -1.44
N SER C 38 -15.46 -8.21 -0.82
CA SER C 38 -15.22 -7.24 0.23
C SER C 38 -14.41 -7.86 1.40
N ALA C 39 -13.30 -7.21 1.76
CA ALA C 39 -12.46 -7.69 2.86
C ALA C 39 -12.92 -7.02 4.14
N ALA C 40 -13.03 -5.70 4.04
CA ALA C 40 -13.45 -4.75 5.09
C ALA C 40 -12.70 -3.49 4.73
N PRO C 41 -13.25 -2.31 5.06
CA PRO C 41 -12.56 -1.05 4.73
C PRO C 41 -11.39 -0.78 5.69
N SER C 42 -10.22 -1.39 5.45
CA SER C 42 -9.06 -1.23 6.34
C SER C 42 -7.73 -0.76 5.76
N LYS C 43 -6.91 -0.21 6.67
CA LYS C 43 -5.59 0.36 6.38
C LYS C 43 -4.56 -0.75 6.19
N ALA C 44 -4.98 -1.78 5.48
CA ALA C 44 -4.19 -2.96 5.28
C ALA C 44 -4.91 -3.78 4.21
N THR C 45 -6.19 -4.02 4.46
CA THR C 45 -7.05 -4.77 3.55
C THR C 45 -7.14 -4.21 2.10
N THR C 46 -6.84 -2.91 1.95
CA THR C 46 -6.92 -2.26 0.65
C THR C 46 -5.57 -2.19 -0.07
N VAL C 47 -4.50 -2.41 0.69
CA VAL C 47 -3.20 -2.47 0.07
C VAL C 47 -3.42 -3.70 -0.80
N GLU C 48 -4.29 -4.59 -0.33
CA GLU C 48 -4.60 -5.78 -1.09
C GLU C 48 -5.08 -5.34 -2.45
N ALA C 49 -6.06 -4.44 -2.42
CA ALA C 49 -6.70 -3.90 -3.59
C ALA C 49 -5.82 -3.20 -4.63
N ALA C 50 -4.98 -2.24 -4.21
CA ALA C 50 -4.12 -1.47 -5.14
C ALA C 50 -3.30 -2.36 -6.07
N CYS C 51 -3.16 -3.60 -5.62
CA CYS C 51 -2.44 -4.60 -6.36
C CYS C 51 -3.36 -4.98 -7.50
N ARG C 52 -4.58 -5.39 -7.13
CA ARG C 52 -5.63 -5.79 -8.08
C ARG C 52 -5.74 -4.89 -9.29
N TYR C 53 -5.99 -3.61 -9.01
CA TYR C 53 -6.14 -2.53 -9.96
C TYR C 53 -4.89 -2.49 -10.83
N ILE C 54 -3.76 -2.23 -10.18
CA ILE C 54 -2.43 -2.13 -10.77
C ILE C 54 -2.11 -3.35 -11.61
N ARG C 55 -2.09 -4.54 -10.97
CA ARG C 55 -1.84 -5.79 -11.69
C ARG C 55 -2.66 -5.71 -12.96
N HIS C 56 -3.91 -5.21 -12.86
CA HIS C 56 -4.79 -5.05 -14.03
C HIS C 56 -4.44 -3.93 -15.04
N LEU C 57 -4.65 -2.67 -14.63
CA LEU C 57 -4.38 -1.52 -15.49
C LEU C 57 -3.25 -1.75 -16.49
N GLN C 58 -2.26 -2.58 -16.13
CA GLN C 58 -1.13 -2.93 -16.99
C GLN C 58 -1.61 -3.45 -18.36
N GLN C 59 -2.08 -4.70 -18.45
CA GLN C 59 -2.56 -5.23 -19.73
C GLN C 59 -3.89 -4.63 -20.19
N ASN C 60 -3.92 -3.33 -20.46
CA ASN C 60 -5.16 -2.67 -20.87
C ASN C 60 -5.40 -2.74 -22.39
N GLY C 61 -6.47 -3.44 -22.77
CA GLY C 61 -6.84 -3.56 -24.18
C GLY C 61 -6.39 -4.81 -24.92
N SER C 62 -5.35 -5.44 -24.37
CA SER C 62 -4.73 -6.66 -24.91
C SER C 62 -5.81 -7.69 -25.22
N THR C 63 -5.80 -8.22 -26.43
CA THR C 63 -6.87 -9.16 -26.77
C THR C 63 -6.58 -10.10 -27.94
N MET D 1 -9.22 -13.91 28.94
CA MET D 1 -9.37 -12.73 28.04
C MET D 1 -8.60 -12.97 26.75
N LYS D 2 -9.36 -13.18 25.67
CA LYS D 2 -8.83 -13.49 24.33
C LYS D 2 -7.75 -12.59 23.73
N ARG D 3 -7.20 -11.69 24.54
CA ARG D 3 -6.13 -10.85 24.08
C ARG D 3 -4.95 -11.81 23.88
N GLU D 4 -5.04 -12.93 24.61
CA GLU D 4 -4.10 -14.07 24.60
C GLU D 4 -3.89 -14.58 23.14
N SER D 5 -5.01 -14.61 22.42
CA SER D 5 -5.08 -15.01 21.02
C SER D 5 -4.86 -13.74 20.21
N HIS D 6 -5.60 -12.69 20.59
CA HIS D 6 -5.58 -11.35 20.01
C HIS D 6 -4.18 -10.96 19.62
N LYS D 7 -3.22 -11.57 20.32
CA LYS D 7 -1.83 -11.37 20.02
C LYS D 7 -1.59 -12.25 18.77
N HIS D 8 -1.54 -13.59 18.95
CA HIS D 8 -1.35 -14.54 17.84
C HIS D 8 -2.16 -14.09 16.61
N ALA D 9 -3.32 -13.50 16.88
CA ALA D 9 -4.27 -12.99 15.89
C ALA D 9 -3.84 -11.63 15.37
N GLU D 10 -3.98 -10.57 16.15
CA GLU D 10 -3.58 -9.26 15.62
C GLU D 10 -2.14 -9.17 15.11
N GLN D 11 -1.47 -10.30 15.02
CA GLN D 11 -0.12 -10.38 14.50
C GLN D 11 -0.30 -10.83 13.07
N ALA D 12 -1.11 -11.87 12.94
CA ALA D 12 -1.46 -12.44 11.65
C ALA D 12 -2.08 -11.27 10.92
N ARG D 13 -2.95 -10.56 11.64
CA ARG D 13 -3.58 -9.42 11.05
C ARG D 13 -2.51 -8.41 10.61
N ARG D 14 -1.79 -7.81 11.54
CA ARG D 14 -0.78 -6.83 11.13
C ARG D 14 0.15 -7.32 10.05
N ASN D 15 0.26 -8.65 9.95
CA ASN D 15 1.13 -9.29 8.97
C ASN D 15 0.61 -9.13 7.56
N ARG D 16 -0.69 -9.34 7.41
CA ARG D 16 -1.36 -9.25 6.12
C ARG D 16 -0.91 -7.94 5.49
N LEU D 17 -1.06 -6.87 6.29
CA LEU D 17 -0.67 -5.54 5.86
C LEU D 17 0.73 -5.58 5.22
N ALA D 18 1.49 -6.64 5.50
CA ALA D 18 2.84 -6.79 4.96
C ALA D 18 2.89 -7.61 3.68
N VAL D 19 2.53 -8.89 3.78
CA VAL D 19 2.54 -9.80 2.63
C VAL D 19 2.12 -9.06 1.37
N ALA D 20 0.94 -8.45 1.44
CA ALA D 20 0.41 -7.66 0.35
C ALA D 20 1.32 -6.43 0.09
N LEU D 21 1.31 -5.44 0.96
CA LEU D 21 2.15 -4.28 0.80
C LEU D 21 3.49 -4.63 0.27
N HIS D 22 3.98 -5.78 0.71
CA HIS D 22 5.29 -6.25 0.28
C HIS D 22 5.10 -6.48 -1.20
N GLU D 23 4.10 -7.31 -1.47
CA GLU D 23 3.73 -7.70 -2.82
C GLU D 23 3.14 -6.59 -3.71
N LEU D 24 3.40 -5.34 -3.37
CA LEU D 24 2.96 -4.28 -4.21
C LEU D 24 4.25 -3.87 -4.92
N ALA D 25 5.17 -3.27 -4.18
CA ALA D 25 6.46 -2.87 -4.77
C ALA D 25 7.10 -4.13 -5.36
N SER D 26 6.78 -5.27 -4.77
CA SER D 26 7.22 -6.60 -5.19
C SER D 26 7.21 -6.73 -6.69
N LEU D 27 6.33 -5.92 -7.25
CA LEU D 27 6.10 -5.92 -8.66
C LEU D 27 5.58 -4.57 -9.08
N ILE D 28 6.00 -3.50 -8.38
CA ILE D 28 5.62 -2.18 -8.86
C ILE D 28 6.53 -2.16 -10.08
N PRO D 29 5.96 -2.38 -11.28
CA PRO D 29 6.84 -2.38 -12.45
C PRO D 29 7.68 -1.11 -12.47
N ALA D 30 7.05 0.02 -12.08
CA ALA D 30 7.71 1.31 -12.04
C ALA D 30 8.89 1.23 -11.09
N GLU D 31 10.03 0.84 -11.65
CA GLU D 31 11.26 0.67 -10.87
C GLU D 31 11.95 1.94 -10.39
N TRP D 32 11.23 3.05 -10.44
CA TRP D 32 11.77 4.32 -9.97
C TRP D 32 11.65 4.31 -8.44
N LYS D 33 10.80 3.40 -7.95
CA LYS D 33 10.62 3.18 -6.52
C LYS D 33 11.94 2.60 -6.03
N GLN D 34 12.89 2.45 -6.95
CA GLN D 34 14.23 1.97 -6.67
C GLN D 34 15.11 3.18 -6.61
N GLN D 35 14.80 4.14 -7.47
CA GLN D 35 15.65 5.28 -7.48
C GLN D 35 15.16 6.69 -7.16
N ASN D 36 15.13 6.97 -5.86
CA ASN D 36 14.79 8.28 -5.30
C ASN D 36 14.94 8.45 -3.78
N VAL D 37 14.60 9.64 -3.30
CA VAL D 37 14.68 9.98 -1.87
C VAL D 37 14.39 8.83 -0.90
N SER D 38 13.75 7.78 -1.44
CA SER D 38 13.47 6.52 -0.74
C SER D 38 14.33 6.27 0.50
N ALA D 39 13.78 6.58 1.67
CA ALA D 39 14.49 6.39 2.93
C ALA D 39 14.15 5.05 3.57
N ALA D 40 13.56 4.14 2.78
CA ALA D 40 13.18 2.81 3.27
C ALA D 40 12.37 1.91 2.37
N PRO D 41 12.94 0.74 2.09
CA PRO D 41 12.15 -0.15 1.24
C PRO D 41 11.42 -0.98 2.30
N SER D 42 10.19 -0.57 2.62
CA SER D 42 9.41 -1.34 3.59
C SER D 42 7.95 -0.91 3.65
N LYS D 43 7.69 0.35 3.99
CA LYS D 43 6.34 0.83 3.94
C LYS D 43 6.19 2.12 3.08
N ALA D 44 5.67 3.18 3.71
CA ALA D 44 5.54 4.55 3.18
C ALA D 44 6.03 4.97 1.77
N THR D 45 7.36 5.07 1.65
CA THR D 45 8.06 5.48 0.42
C THR D 45 7.62 4.62 -0.73
N THR D 46 7.88 3.32 -0.58
CA THR D 46 7.49 2.32 -1.55
C THR D 46 6.05 2.60 -1.96
N VAL D 47 5.22 2.90 -0.97
CA VAL D 47 3.81 3.18 -1.25
C VAL D 47 3.62 4.53 -1.94
N GLU D 48 4.51 5.49 -1.65
CA GLU D 48 4.43 6.81 -2.30
C GLU D 48 4.59 6.53 -3.78
N ALA D 49 5.65 5.81 -4.14
CA ALA D 49 5.91 5.46 -5.55
C ALA D 49 4.90 4.39 -6.03
N ALA D 50 4.34 3.66 -5.07
CA ALA D 50 3.38 2.61 -5.36
C ALA D 50 2.13 3.24 -5.96
N CYS D 51 1.82 4.44 -5.50
CA CYS D 51 0.68 5.15 -6.02
C CYS D 51 1.10 5.77 -7.34
N ARG D 52 2.40 6.03 -7.47
CA ARG D 52 2.98 6.62 -8.67
C ARG D 52 2.79 5.82 -9.95
N TYR D 53 3.37 4.62 -10.08
CA TYR D 53 3.19 3.81 -11.31
C TYR D 53 1.72 3.85 -11.72
N ILE D 54 0.84 3.99 -10.76
CA ILE D 54 -0.57 4.07 -11.09
C ILE D 54 -0.73 5.49 -11.60
N ARG D 55 -0.25 6.45 -10.79
CA ARG D 55 -0.35 7.87 -11.10
C ARG D 55 0.05 8.12 -12.55
N HIS D 56 1.07 7.40 -13.03
CA HIS D 56 1.46 7.55 -14.43
C HIS D 56 0.27 6.99 -15.15
N LEU D 57 0.02 5.73 -14.83
CA LEU D 57 -1.02 4.94 -15.41
C LEU D 57 -2.40 5.57 -15.53
N GLN D 58 -2.77 6.42 -14.58
CA GLN D 58 -4.08 7.03 -14.67
C GLN D 58 -4.22 8.15 -15.74
N GLN D 59 -3.16 8.29 -16.58
CA GLN D 59 -3.07 9.25 -17.73
C GLN D 59 -4.14 8.86 -18.78
N ASN D 60 -5.26 9.58 -18.80
CA ASN D 60 -6.30 9.21 -19.72
C ASN D 60 -6.79 10.20 -20.75
N GLY D 61 -5.88 10.57 -21.65
CA GLY D 61 -6.19 11.49 -22.73
C GLY D 61 -4.93 11.65 -23.56
N SER D 62 -4.59 10.64 -24.37
CA SER D 62 -3.40 10.78 -25.18
C SER D 62 -3.71 11.61 -26.40
N THR D 63 -2.85 12.59 -26.56
CA THR D 63 -2.92 13.52 -27.63
C THR D 63 -2.65 12.78 -28.98
#